data_3MAL
#
_entry.id   3MAL
#
_cell.length_a   96.130
_cell.length_b   96.130
_cell.length_c   69.343
_cell.angle_alpha   90.00
_cell.angle_beta   90.00
_cell.angle_gamma   120.00
#
_symmetry.space_group_name_H-M   'P 61'
#
loop_
_entity.id
_entity.type
_entity.pdbx_description
1 polymer 'Stromal cell-derived factor 2-like protein'
2 non-polymer 'SULFATE ION'
3 non-polymer 1,2-ETHANEDIOL
4 water water
#
_entity_poly.entity_id   1
_entity_poly.type   'polypeptide(L)'
_entity_poly.pdbx_seq_one_letter_code
;GPLGSASAAASGKEGVEITYGSAIKLMHEKTKFRLHSHDVPYGSGSGQQSVTGFPGVVDSNSYWIVKPVPGTTEKQGDAV
KSGATIRLQHMKTRKWLHSHLHASPISGNLEVSCFGDDTNSDTGDHWKLIIEGSGKTWKQDQRVRLQHIDTSGYLHSHDK
KYQRIAGGQQEVCGIREKKADNIWLAAEGVYLPLNESSK
;
_entity_poly.pdbx_strand_id   A,B
#
loop_
_chem_comp.id
_chem_comp.type
_chem_comp.name
_chem_comp.formula
EDO non-polymer 1,2-ETHANEDIOL 'C2 H6 O2'
SO4 non-polymer 'SULFATE ION' 'O4 S -2'
#
# COMPACT_ATOMS: atom_id res chain seq x y z
N VAL A 16 -1.76 16.25 0.53
CA VAL A 16 -0.86 16.39 -0.66
C VAL A 16 0.50 15.70 -0.55
N GLU A 17 0.97 15.36 0.67
CA GLU A 17 2.26 14.65 0.81
CA GLU A 17 2.25 14.67 0.77
C GLU A 17 2.18 13.22 0.29
N ILE A 18 3.05 12.88 -0.64
CA ILE A 18 2.95 11.56 -1.23
C ILE A 18 3.79 10.57 -0.43
N THR A 19 3.15 9.55 0.12
CA THR A 19 3.85 8.61 1.02
C THR A 19 4.03 7.25 0.34
N TYR A 20 4.97 6.44 0.82
CA TYR A 20 5.08 5.10 0.27
C TYR A 20 3.79 4.33 0.52
N GLY A 21 3.40 3.50 -0.46
CA GLY A 21 2.15 2.78 -0.36
C GLY A 21 0.99 3.50 -1.03
N SER A 22 1.21 4.75 -1.46
CA SER A 22 0.12 5.51 -2.04
CA SER A 22 0.17 5.56 -2.07
C SER A 22 -0.08 5.13 -3.51
N ALA A 23 -1.32 5.33 -3.98
CA ALA A 23 -1.65 5.13 -5.39
C ALA A 23 -1.68 6.50 -6.10
N ILE A 24 -1.00 6.59 -7.23
CA ILE A 24 -0.89 7.86 -7.96
C ILE A 24 -1.10 7.68 -9.45
N LYS A 25 -1.51 8.77 -10.10
CA LYS A 25 -1.26 8.93 -11.52
C LYS A 25 -0.09 9.90 -11.71
N LEU A 26 0.62 9.74 -12.81
CA LEU A 26 1.76 10.58 -13.14
C LEU A 26 1.48 11.25 -14.47
N MET A 27 1.30 12.57 -14.44
CA MET A 27 0.96 13.32 -15.61
C MET A 27 2.19 14.01 -16.21
N HIS A 28 2.36 13.84 -17.52
CA HIS A 28 3.37 14.53 -18.32
C HIS A 28 3.06 16.02 -18.36
N GLU A 29 3.96 16.86 -17.88
CA GLU A 29 3.59 18.28 -17.79
C GLU A 29 3.21 18.94 -19.12
N LYS A 30 3.96 18.68 -20.17
CA LYS A 30 3.79 19.32 -21.46
C LYS A 30 2.51 18.86 -22.18
N THR A 31 2.29 17.55 -22.28
CA THR A 31 1.16 17.06 -23.05
C THR A 31 -0.09 16.73 -22.21
N LYS A 32 0.09 16.61 -20.89
CA LYS A 32 -1.00 16.24 -19.99
C LYS A 32 -1.41 14.75 -20.06
N PHE A 33 -0.71 13.94 -20.87
CA PHE A 33 -0.99 12.49 -20.93
C PHE A 33 -0.54 11.77 -19.65
N ARG A 34 -1.21 10.67 -19.33
CA ARG A 34 -0.89 9.95 -18.10
C ARG A 34 -0.04 8.70 -18.35
N LEU A 35 0.95 8.48 -17.48
CA LEU A 35 1.71 7.23 -17.51
C LEU A 35 0.77 6.03 -17.38
N HIS A 36 0.89 5.08 -18.31
CA HIS A 36 -0.12 4.06 -18.50
C HIS A 36 0.52 2.72 -18.92
N SER A 37 -0.08 1.62 -18.46
CA SER A 37 0.34 0.30 -18.93
C SER A 37 -0.88 -0.58 -19.15
N HIS A 38 -0.64 -1.82 -19.56
CA HIS A 38 -1.71 -2.70 -19.98
C HIS A 38 -1.09 -4.04 -20.30
N ASP A 39 -1.92 -5.04 -20.56
CA ASP A 39 -1.47 -6.42 -20.73
C ASP A 39 -1.04 -6.76 -22.18
N VAL A 40 -0.09 -5.99 -22.75
CA VAL A 40 0.38 -6.21 -24.14
C VAL A 40 1.84 -5.79 -24.27
N PRO A 41 2.67 -6.65 -24.88
CA PRO A 41 4.09 -6.36 -24.99
C PRO A 41 4.49 -5.52 -26.17
N TYR A 42 5.70 -4.97 -26.12
CA TYR A 42 6.31 -4.40 -27.29
C TYR A 42 6.62 -5.54 -28.24
N GLY A 43 6.60 -5.23 -29.53
CA GLY A 43 7.03 -6.16 -30.56
C GLY A 43 8.53 -6.31 -30.67
N SER A 44 9.28 -5.26 -30.47
CA SER A 44 10.73 -5.41 -30.56
CA SER A 44 10.73 -5.39 -30.58
C SER A 44 11.41 -4.94 -29.27
N GLY A 45 12.63 -4.38 -29.34
CA GLY A 45 13.35 -4.09 -28.12
C GLY A 45 13.38 -5.32 -27.22
N SER A 46 12.90 -5.15 -25.99
CA SER A 46 12.97 -6.21 -24.99
C SER A 46 11.82 -7.21 -25.12
N GLY A 47 10.78 -6.84 -25.87
CA GLY A 47 9.56 -7.66 -25.90
C GLY A 47 8.81 -7.70 -24.56
N GLN A 48 9.18 -6.83 -23.61
CA GLN A 48 8.46 -6.78 -22.33
C GLN A 48 7.12 -6.01 -22.47
N GLN A 49 6.32 -5.99 -21.41
CA GLN A 49 5.03 -5.26 -21.38
C GLN A 49 5.26 -3.79 -21.67
N SER A 50 4.44 -3.23 -22.56
CA SER A 50 4.62 -1.86 -23.00
C SER A 50 4.01 -0.83 -22.05
N VAL A 51 4.54 0.38 -22.14
CA VAL A 51 4.15 1.52 -21.31
C VAL A 51 3.91 2.68 -22.29
N THR A 52 2.87 3.47 -22.08
CA THR A 52 2.50 4.58 -22.97
C THR A 52 2.01 5.79 -22.19
N GLY A 53 1.81 6.89 -22.92
CA GLY A 53 1.08 8.03 -22.42
C GLY A 53 -0.39 7.93 -22.83
N PHE A 54 -1.29 8.02 -21.86
CA PHE A 54 -2.73 7.83 -22.09
C PHE A 54 -3.53 9.13 -21.78
N PRO A 55 -4.37 9.60 -22.73
CA PRO A 55 -5.00 10.92 -22.46
C PRO A 55 -6.28 10.97 -21.60
N GLY A 56 -7.11 9.91 -21.63
CA GLY A 56 -8.41 9.91 -20.93
C GLY A 56 -8.27 9.88 -19.40
N VAL A 57 -9.20 10.57 -18.73
CA VAL A 57 -9.23 10.67 -17.27
C VAL A 57 -9.58 9.35 -16.58
N VAL A 58 -10.59 8.64 -17.09
CA VAL A 58 -10.97 7.42 -16.40
C VAL A 58 -10.36 6.15 -16.99
N ASP A 59 -9.43 5.60 -16.22
CA ASP A 59 -8.54 4.55 -16.69
C ASP A 59 -7.80 3.95 -15.50
N SER A 60 -8.24 2.78 -15.04
CA SER A 60 -7.58 2.14 -13.87
C SER A 60 -6.14 1.76 -14.23
N ASN A 61 -5.89 1.55 -15.53
CA ASN A 61 -4.55 1.28 -16.05
C ASN A 61 -3.56 2.44 -15.94
N SER A 62 -4.02 3.60 -15.44
CA SER A 62 -3.13 4.72 -15.16
C SER A 62 -2.61 4.79 -13.73
N TYR A 63 -3.02 3.85 -12.87
CA TYR A 63 -2.59 3.88 -11.47
C TYR A 63 -1.32 3.09 -11.21
N TRP A 64 -0.45 3.68 -10.37
CA TRP A 64 0.84 3.13 -9.98
C TRP A 64 0.95 3.22 -8.43
N ILE A 65 1.53 2.20 -7.81
CA ILE A 65 1.83 2.33 -6.39
CA ILE A 65 1.83 2.24 -6.37
C ILE A 65 3.29 2.67 -6.12
N VAL A 66 3.50 3.72 -5.30
CA VAL A 66 4.86 4.17 -4.99
C VAL A 66 5.45 3.24 -3.92
N LYS A 67 6.59 2.63 -4.24
CA LYS A 67 7.24 1.71 -3.30
C LYS A 67 8.74 1.98 -3.10
N PRO A 68 9.28 1.61 -1.91
CA PRO A 68 10.72 1.68 -1.68
C PRO A 68 11.45 0.52 -2.36
N VAL A 69 12.77 0.55 -2.35
CA VAL A 69 13.54 -0.63 -2.74
C VAL A 69 13.58 -1.61 -1.54
N PRO A 70 13.48 -2.93 -1.81
CA PRO A 70 13.22 -3.94 -0.78
C PRO A 70 14.22 -3.99 0.42
N GLY A 71 15.43 -3.49 0.27
CA GLY A 71 16.39 -3.61 1.39
C GLY A 71 16.14 -2.75 2.64
N THR A 72 15.30 -1.71 2.50
CA THR A 72 15.49 -0.43 3.21
C THR A 72 14.59 -0.11 4.41
N THR A 73 14.91 0.98 5.10
CA THR A 73 14.14 1.39 6.28
C THR A 73 12.82 2.10 5.93
N GLU A 74 12.75 2.68 4.74
CA GLU A 74 11.56 3.41 4.29
C GLU A 74 10.35 2.50 4.27
N LYS A 75 9.25 2.97 4.84
CA LYS A 75 8.04 2.14 4.97
C LYS A 75 6.78 2.88 4.48
N GLN A 76 5.71 2.10 4.26
CA GLN A 76 4.41 2.69 3.89
C GLN A 76 4.03 3.76 4.92
N GLY A 77 3.57 4.91 4.42
CA GLY A 77 3.26 6.07 5.27
C GLY A 77 4.42 7.05 5.48
N ASP A 78 5.64 6.69 5.06
CA ASP A 78 6.77 7.62 5.14
C ASP A 78 6.70 8.53 3.91
N ALA A 79 6.96 9.83 4.09
CA ALA A 79 7.06 10.75 2.97
C ALA A 79 8.19 10.34 2.03
N VAL A 80 7.94 10.40 0.72
CA VAL A 80 9.01 10.16 -0.24
C VAL A 80 9.84 11.46 -0.37
N LYS A 81 11.14 11.35 -0.18
CA LYS A 81 12.09 12.49 -0.21
C LYS A 81 12.66 12.74 -1.61
N SER A 82 12.96 13.99 -1.92
CA SER A 82 13.76 14.30 -3.10
C SER A 82 15.06 13.50 -3.00
N GLY A 83 15.43 12.83 -4.08
CA GLY A 83 16.63 12.02 -4.11
C GLY A 83 16.42 10.55 -3.77
N ALA A 84 15.24 10.19 -3.25
CA ALA A 84 14.92 8.78 -2.95
C ALA A 84 14.98 7.91 -4.21
N THR A 85 15.43 6.67 -4.03
CA THR A 85 15.27 5.65 -5.05
C THR A 85 13.93 4.97 -4.81
N ILE A 86 13.06 5.00 -5.82
CA ILE A 86 11.71 4.45 -5.70
C ILE A 86 11.42 3.44 -6.82
N ARG A 87 10.32 2.71 -6.63
CA ARG A 87 9.76 1.82 -7.65
C ARG A 87 8.30 2.26 -7.85
N LEU A 88 7.79 2.09 -9.07
CA LEU A 88 6.39 2.36 -9.35
C LEU A 88 5.79 1.06 -9.86
N GLN A 89 4.86 0.50 -9.10
CA GLN A 89 4.28 -0.79 -9.50
C GLN A 89 2.91 -0.52 -10.09
N HIS A 90 2.66 -1.01 -11.29
CA HIS A 90 1.40 -0.86 -11.99
C HIS A 90 0.33 -1.64 -11.22
N MET A 91 -0.76 -0.96 -10.85
CA MET A 91 -1.75 -1.58 -9.99
C MET A 91 -2.45 -2.75 -10.65
N LYS A 92 -2.77 -2.59 -11.92
CA LYS A 92 -3.60 -3.56 -12.63
C LYS A 92 -2.85 -4.83 -12.99
N THR A 93 -1.56 -4.73 -13.35
CA THR A 93 -0.78 -5.90 -13.78
C THR A 93 0.29 -6.34 -12.78
N ARG A 94 0.58 -5.53 -11.77
CA ARG A 94 1.61 -5.85 -10.79
C ARG A 94 3.05 -5.82 -11.32
N LYS A 95 3.25 -5.34 -12.55
CA LYS A 95 4.62 -5.23 -13.10
C LYS A 95 5.25 -3.88 -12.72
N TRP A 96 6.59 -3.82 -12.77
CA TRP A 96 7.35 -2.65 -12.27
C TRP A 96 7.76 -1.75 -13.41
N LEU A 97 7.59 -0.43 -13.25
CA LEU A 97 8.15 0.53 -14.22
C LEU A 97 9.67 0.27 -14.39
N HIS A 98 10.13 0.10 -15.62
CA HIS A 98 11.44 -0.52 -15.89
C HIS A 98 12.12 0.16 -17.08
N SER A 99 13.44 0.18 -17.07
CA SER A 99 14.25 0.59 -18.23
C SER A 99 15.55 -0.26 -18.36
N HIS A 100 16.27 -0.02 -19.45
CA HIS A 100 17.34 -0.82 -19.92
C HIS A 100 17.80 -0.34 -21.32
N LEU A 101 18.83 -0.97 -21.85
CA LEU A 101 19.40 -0.50 -23.08
C LEU A 101 18.79 -1.15 -24.30
N HIS A 102 17.50 -0.99 -24.46
CA HIS A 102 16.82 -1.41 -25.69
C HIS A 102 16.27 -0.15 -26.31
N ALA A 103 16.11 -0.15 -27.63
CA ALA A 103 15.49 0.98 -28.35
C ALA A 103 13.96 1.03 -28.21
N SER A 104 13.44 2.21 -27.84
CA SER A 104 12.00 2.49 -27.77
C SER A 104 11.42 2.44 -29.20
N PRO A 105 10.12 2.12 -29.35
CA PRO A 105 9.64 1.77 -30.71
C PRO A 105 9.48 2.91 -31.72
N ILE A 106 9.34 4.16 -31.28
CA ILE A 106 9.11 5.25 -32.22
C ILE A 106 10.37 6.10 -32.44
N SER A 107 10.97 6.56 -31.34
CA SER A 107 12.07 7.53 -31.41
C SER A 107 13.47 6.91 -31.22
N GLY A 108 13.55 5.61 -30.94
CA GLY A 108 14.86 4.96 -30.81
C GLY A 108 15.65 5.48 -29.61
N ASN A 109 14.92 5.89 -28.57
CA ASN A 109 15.54 6.27 -27.30
C ASN A 109 15.45 5.06 -26.35
N LEU A 110 15.67 5.27 -25.04
CA LEU A 110 15.71 4.12 -24.14
C LEU A 110 14.31 3.56 -24.00
N GLU A 111 14.13 2.26 -24.21
CA GLU A 111 12.82 1.66 -23.95
C GLU A 111 12.43 1.74 -22.46
N VAL A 112 11.18 2.16 -22.26
CA VAL A 112 10.56 2.09 -20.95
C VAL A 112 9.46 1.03 -20.97
N SER A 113 9.61 0.02 -20.09
CA SER A 113 8.70 -1.12 -20.06
C SER A 113 8.12 -1.38 -18.67
N CYS A 114 7.24 -2.39 -18.61
CA CYS A 114 6.79 -2.96 -17.35
C CYS A 114 7.38 -4.37 -17.21
N PHE A 115 8.05 -4.62 -16.08
CA PHE A 115 8.87 -5.82 -15.90
C PHE A 115 8.44 -6.63 -14.69
N GLY A 116 8.62 -7.94 -14.77
CA GLY A 116 8.52 -8.80 -13.60
C GLY A 116 7.13 -8.90 -13.00
N ASP A 117 7.08 -9.06 -11.69
CA ASP A 117 5.82 -9.19 -11.02
C ASP A 117 6.11 -9.19 -9.54
N ASP A 118 5.19 -9.64 -8.71
CA ASP A 118 5.46 -9.59 -7.28
C ASP A 118 6.56 -10.47 -6.75
N THR A 119 7.04 -11.40 -7.55
CA THR A 119 8.13 -12.29 -7.16
C THR A 119 9.43 -11.96 -7.88
N ASN A 120 9.38 -10.95 -8.75
CA ASN A 120 10.47 -10.66 -9.65
C ASN A 120 10.62 -9.15 -9.86
N SER A 121 11.62 -8.58 -9.18
CA SER A 121 12.00 -7.18 -9.36
C SER A 121 13.52 -7.15 -9.39
N ASP A 122 14.10 -6.25 -10.16
CA ASP A 122 15.55 -6.03 -10.11
C ASP A 122 15.91 -4.54 -10.12
N THR A 123 17.22 -4.21 -10.10
CA THR A 123 17.63 -2.79 -10.07
C THR A 123 17.15 -1.96 -11.30
N GLY A 124 16.79 -2.63 -12.37
CA GLY A 124 16.26 -1.93 -13.55
C GLY A 124 14.90 -1.32 -13.27
N ASP A 125 14.31 -1.69 -12.13
CA ASP A 125 13.05 -1.11 -11.65
C ASP A 125 13.27 0.15 -10.79
N HIS A 126 14.52 0.60 -10.65
CA HIS A 126 14.85 1.69 -9.73
C HIS A 126 14.93 3.06 -10.42
N TRP A 127 14.25 4.05 -9.84
CA TRP A 127 14.18 5.41 -10.37
C TRP A 127 14.48 6.40 -9.25
N LYS A 128 15.26 7.43 -9.57
CA LYS A 128 15.53 8.46 -8.57
C LYS A 128 14.52 9.58 -8.74
N LEU A 129 13.83 9.93 -7.66
CA LEU A 129 12.92 11.08 -7.68
C LEU A 129 13.72 12.37 -7.51
N ILE A 130 13.51 13.30 -8.42
CA ILE A 130 14.21 14.58 -8.40
C ILE A 130 13.16 15.67 -8.38
N ILE A 131 13.02 16.36 -7.26
CA ILE A 131 12.04 17.43 -7.18
C ILE A 131 12.66 18.71 -7.72
N GLU A 132 11.98 19.35 -8.67
CA GLU A 132 12.60 20.47 -9.36
C GLU A 132 12.90 21.72 -8.50
N GLY A 133 11.95 22.14 -7.67
CA GLY A 133 12.22 23.23 -6.71
C GLY A 133 13.05 22.81 -5.50
N SER A 134 13.01 23.63 -4.45
CA SER A 134 13.71 23.34 -3.20
C SER A 134 12.85 22.46 -2.27
N GLY A 135 11.67 22.01 -2.76
CA GLY A 135 10.83 21.06 -2.03
C GLY A 135 11.59 19.81 -1.66
N LYS A 136 11.42 19.33 -0.43
CA LYS A 136 12.17 18.19 0.04
C LYS A 136 11.36 16.89 0.10
N THR A 137 10.04 17.00 0.18
CA THR A 137 9.17 15.83 0.14
C THR A 137 8.26 15.92 -1.08
N TRP A 138 7.95 14.77 -1.68
CA TRP A 138 7.15 14.68 -2.88
C TRP A 138 5.69 15.04 -2.56
N LYS A 139 5.11 15.94 -3.36
CA LYS A 139 3.73 16.37 -3.19
C LYS A 139 2.94 16.31 -4.49
N GLN A 140 1.62 16.22 -4.38
CA GLN A 140 0.78 16.29 -5.55
C GLN A 140 0.95 17.63 -6.29
N ASP A 141 0.95 17.59 -7.60
CA ASP A 141 1.15 18.76 -8.43
C ASP A 141 2.50 19.40 -8.41
N GLN A 142 3.50 18.90 -7.69
CA GLN A 142 4.80 19.59 -7.83
C GLN A 142 5.57 19.01 -9.02
N ARG A 143 6.43 19.82 -9.61
CA ARG A 143 7.16 19.41 -10.81
C ARG A 143 8.33 18.53 -10.39
N VAL A 144 8.42 17.36 -11.01
CA VAL A 144 9.46 16.37 -10.67
C VAL A 144 10.00 15.73 -11.94
N ARG A 145 11.15 15.08 -11.81
CA ARG A 145 11.65 14.20 -12.88
C ARG A 145 11.88 12.87 -12.20
N LEU A 146 11.88 11.79 -12.98
CA LEU A 146 12.28 10.47 -12.49
C LEU A 146 13.43 9.98 -13.35
N GLN A 147 14.57 9.77 -12.72
CA GLN A 147 15.78 9.35 -13.44
C GLN A 147 16.09 7.87 -13.20
N HIS A 148 16.12 7.10 -14.27
CA HIS A 148 16.38 5.68 -14.15
C HIS A 148 17.81 5.51 -13.62
N ILE A 149 17.95 4.81 -12.50
CA ILE A 149 19.29 4.62 -11.86
C ILE A 149 20.31 3.96 -12.79
N ASP A 150 19.95 2.84 -13.42
CA ASP A 150 20.93 2.01 -14.16
C ASP A 150 21.40 2.62 -15.48
N THR A 151 20.51 3.35 -16.15
CA THR A 151 20.84 3.94 -17.45
C THR A 151 21.05 5.45 -17.39
N SER A 152 20.64 6.09 -16.29
CA SER A 152 20.59 7.54 -16.19
C SER A 152 19.56 8.24 -17.13
N GLY A 153 18.65 7.49 -17.74
CA GLY A 153 17.58 8.06 -18.56
C GLY A 153 16.48 8.75 -17.74
N TYR A 154 16.07 9.96 -18.12
CA TYR A 154 14.90 10.59 -17.50
C TYR A 154 13.67 10.04 -18.19
N LEU A 155 12.68 9.64 -17.39
CA LEU A 155 11.38 9.26 -17.91
C LEU A 155 10.86 10.42 -18.78
N HIS A 156 10.43 10.09 -20.00
CA HIS A 156 10.22 11.11 -21.03
C HIS A 156 8.98 10.75 -21.84
N SER A 157 8.20 11.76 -22.25
CA SER A 157 7.21 11.58 -23.28
C SER A 157 7.19 12.78 -24.24
N HIS A 158 6.30 12.71 -25.22
CA HIS A 158 6.22 13.70 -26.30
C HIS A 158 5.03 13.38 -27.21
N ASP A 159 4.71 14.31 -28.09
CA ASP A 159 3.62 14.17 -29.03
C ASP A 159 4.07 13.28 -30.21
N LYS A 160 4.42 12.03 -29.89
CA LYS A 160 4.77 11.01 -30.87
C LYS A 160 3.91 9.80 -30.53
N LYS A 161 2.98 9.45 -31.44
CA LYS A 161 1.89 8.56 -31.09
C LYS A 161 1.85 7.26 -31.89
N TYR A 162 1.40 6.19 -31.23
CA TYR A 162 1.09 4.93 -31.92
C TYR A 162 -0.15 5.13 -32.80
N GLN A 163 -0.33 4.28 -33.81
CA GLN A 163 -1.46 4.43 -34.72
C GLN A 163 -2.42 3.25 -34.79
N ARG A 164 -1.90 2.06 -35.04
CA ARG A 164 -2.75 0.88 -35.24
C ARG A 164 -3.25 0.23 -33.94
N ILE A 165 -2.35 -0.25 -33.09
CA ILE A 165 -2.74 -0.78 -31.77
C ILE A 165 -2.37 0.29 -30.74
N ALA A 166 -3.31 0.64 -29.85
CA ALA A 166 -3.09 1.70 -28.86
C ALA A 166 -2.94 3.04 -29.54
N GLY A 167 -3.55 3.20 -30.72
CA GLY A 167 -3.49 4.46 -31.47
C GLY A 167 -3.97 5.67 -30.70
N GLY A 168 -3.25 6.78 -30.82
CA GLY A 168 -3.55 8.00 -30.06
C GLY A 168 -2.79 8.07 -28.73
N GLN A 169 -2.24 6.95 -28.27
CA GLN A 169 -1.38 6.92 -27.07
C GLN A 169 0.05 7.32 -27.45
N GLN A 170 0.77 7.97 -26.53
CA GLN A 170 2.11 8.50 -26.83
C GLN A 170 3.19 7.48 -26.44
N GLU A 171 4.29 7.52 -27.18
CA GLU A 171 5.51 6.84 -26.76
C GLU A 171 5.99 7.38 -25.41
N VAL A 172 6.40 6.46 -24.54
CA VAL A 172 7.15 6.82 -23.33
C VAL A 172 8.53 6.22 -23.51
N CYS A 173 9.56 6.99 -23.17
CA CYS A 173 10.96 6.52 -23.34
C CYS A 173 11.85 7.21 -22.32
N GLY A 174 13.15 6.91 -22.37
CA GLY A 174 14.15 7.55 -21.52
C GLY A 174 15.14 8.31 -22.38
N ILE A 175 15.47 9.55 -22.01
CA ILE A 175 16.52 10.33 -22.70
C ILE A 175 17.50 10.87 -21.70
N ARG A 176 18.66 11.30 -22.18
CA ARG A 176 19.73 11.59 -21.26
C ARG A 176 19.81 13.02 -20.75
N GLU A 177 19.11 13.95 -21.41
CA GLU A 177 19.13 15.36 -21.03
C GLU A 177 17.82 15.81 -20.37
N LYS A 178 17.93 16.73 -19.41
CA LYS A 178 16.77 17.41 -18.84
C LYS A 178 16.14 18.29 -19.88
N LYS A 179 14.84 18.10 -20.10
CA LYS A 179 14.10 18.92 -21.03
C LYS A 179 12.70 19.15 -20.49
N ALA A 180 11.97 20.07 -21.11
CA ALA A 180 10.58 20.33 -20.75
C ALA A 180 9.72 19.05 -20.83
N ASP A 181 10.01 18.20 -21.81
CA ASP A 181 9.26 16.94 -22.03
C ASP A 181 9.67 15.81 -21.09
N ASN A 182 10.54 16.07 -20.10
CA ASN A 182 10.70 15.07 -19.04
C ASN A 182 10.34 15.57 -17.63
N ILE A 183 9.49 16.59 -17.57
CA ILE A 183 8.93 16.96 -16.29
CA ILE A 183 8.89 17.04 -16.32
C ILE A 183 7.55 16.31 -16.12
N TRP A 184 7.33 15.79 -14.92
CA TRP A 184 6.09 15.11 -14.59
C TRP A 184 5.49 15.69 -13.29
N LEU A 185 4.21 15.40 -13.08
CA LEU A 185 3.45 15.83 -11.90
C LEU A 185 2.61 14.64 -11.38
N ALA A 186 2.72 14.33 -10.09
CA ALA A 186 1.81 13.36 -9.51
C ALA A 186 0.43 14.00 -9.34
N ALA A 187 -0.61 13.27 -9.73
CA ALA A 187 -2.00 13.76 -9.60
C ALA A 187 -3.01 12.65 -9.26
N GLU A 188 -4.24 13.04 -8.96
CA GLU A 188 -5.34 12.07 -8.81
C GLU A 188 -5.02 10.91 -7.86
N GLY A 189 -4.20 11.16 -6.85
CA GLY A 189 -3.73 10.05 -6.04
C GLY A 189 -4.56 9.76 -4.81
N VAL A 190 -4.27 8.63 -4.19
CA VAL A 190 -4.76 8.34 -2.86
C VAL A 190 -3.53 8.17 -2.00
N TYR A 191 -3.34 9.09 -1.06
CA TYR A 191 -2.11 9.15 -0.28
C TYR A 191 -2.29 8.62 1.15
N LEU A 192 -1.49 7.60 1.50
CA LEU A 192 -1.57 7.00 2.82
C LEU A 192 -1.15 8.03 3.87
N PRO A 193 -1.76 7.96 5.07
CA PRO A 193 -1.46 8.90 6.14
C PRO A 193 0.03 8.96 6.43
N LEU A 194 0.49 10.15 6.78
CA LEU A 194 1.87 10.34 7.21
C LEU A 194 2.12 9.76 8.57
N ASN A 195 3.12 8.89 8.65
CA ASN A 195 3.54 8.32 9.93
C ASN A 195 3.89 9.41 10.94
N GLU A 196 4.10 10.62 10.41
CA GLU A 196 4.08 11.88 11.15
C GLU A 196 5.40 12.57 10.86
N VAL B 16 -16.37 4.16 0.16
CA VAL B 16 -17.07 3.22 1.09
C VAL B 16 -16.45 1.83 1.05
N GLU B 17 -16.10 1.33 -0.14
CA GLU B 17 -15.53 -0.01 -0.20
C GLU B 17 -14.07 -0.01 0.22
N ILE B 18 -13.69 -1.03 0.99
CA ILE B 18 -12.32 -1.18 1.48
C ILE B 18 -11.52 -2.10 0.55
N THR B 19 -10.41 -1.58 0.02
CA THR B 19 -9.56 -2.32 -0.91
C THR B 19 -8.23 -2.67 -0.23
N TYR B 20 -7.58 -3.75 -0.69
CA TYR B 20 -6.25 -4.10 -0.19
C TYR B 20 -5.32 -2.92 -0.41
N GLY B 21 -4.45 -2.65 0.57
CA GLY B 21 -3.50 -1.54 0.46
C GLY B 21 -3.96 -0.27 1.18
N SER B 22 -5.24 -0.25 1.54
CA SER B 22 -5.85 0.86 2.27
C SER B 22 -5.36 0.94 3.72
N ALA B 23 -5.31 2.15 4.26
CA ALA B 23 -5.01 2.34 5.67
C ALA B 23 -6.32 2.63 6.42
N ILE B 24 -6.54 1.90 7.52
CA ILE B 24 -7.78 2.02 8.29
C ILE B 24 -7.52 2.11 9.78
N LYS B 25 -8.47 2.70 10.49
CA LYS B 25 -8.57 2.51 11.94
C LYS B 25 -9.70 1.53 12.20
N LEU B 26 -9.53 0.65 13.19
CA LEU B 26 -10.54 -0.34 13.50
C LEU B 26 -11.14 -0.03 14.87
N MET B 27 -12.41 0.35 14.87
CA MET B 27 -13.08 0.79 16.09
C MET B 27 -13.85 -0.37 16.71
N HIS B 28 -13.62 -0.59 18.00
CA HIS B 28 -14.37 -1.56 18.80
C HIS B 28 -15.82 -1.04 19.04
N GLU B 29 -16.82 -1.80 18.60
CA GLU B 29 -18.20 -1.30 18.59
C GLU B 29 -18.70 -0.91 19.96
N LYS B 30 -18.52 -1.78 20.96
CA LYS B 30 -19.12 -1.51 22.27
C LYS B 30 -18.41 -0.36 23.00
N THR B 31 -17.07 -0.35 23.00
CA THR B 31 -16.34 0.67 23.76
C THR B 31 -15.94 1.92 22.97
N LYS B 32 -15.97 1.81 21.64
CA LYS B 32 -15.47 2.87 20.75
C LYS B 32 -13.93 3.13 20.81
N PHE B 33 -13.19 2.30 21.54
CA PHE B 33 -11.72 2.39 21.52
C PHE B 33 -11.17 1.85 20.18
N ARG B 34 -10.00 2.33 19.78
CA ARG B 34 -9.42 1.91 18.51
C ARG B 34 -8.28 0.91 18.66
N LEU B 35 -8.23 -0.07 17.76
CA LEU B 35 -7.09 -1.02 17.74
C LEU B 35 -5.79 -0.24 17.57
N HIS B 36 -4.78 -0.57 18.37
CA HIS B 36 -3.64 0.33 18.61
C HIS B 36 -2.42 -0.51 18.92
N SER B 37 -1.24 -0.05 18.50
CA SER B 37 0.01 -0.66 18.94
C SER B 37 1.06 0.43 19.06
N HIS B 38 2.29 0.04 19.37
CA HIS B 38 3.32 0.96 19.88
C HIS B 38 4.55 0.11 20.21
N ASP B 39 5.70 0.73 20.45
CA ASP B 39 6.95 -0.04 20.60
C ASP B 39 7.25 -0.43 22.03
N VAL B 40 6.37 -1.24 22.61
CA VAL B 40 6.55 -1.72 23.98
C VAL B 40 5.94 -3.12 24.04
N PRO B 41 6.70 -4.09 24.59
CA PRO B 41 6.24 -5.45 24.63
C PRO B 41 5.44 -5.81 25.87
N TYR B 42 4.69 -6.92 25.77
CA TYR B 42 4.16 -7.62 26.92
C TYR B 42 5.31 -8.11 27.81
N GLY B 43 5.10 -8.11 29.12
CA GLY B 43 6.07 -8.70 30.02
C GLY B 43 5.82 -10.19 30.17
N SER B 44 4.61 -10.59 29.82
CA SER B 44 4.10 -11.96 29.99
C SER B 44 3.99 -12.66 28.65
N GLY B 45 3.41 -13.86 28.66
CA GLY B 45 3.00 -14.58 27.43
C GLY B 45 4.16 -14.75 26.47
N SER B 46 4.00 -14.28 25.24
CA SER B 46 5.04 -14.40 24.21
C SER B 46 6.16 -13.39 24.38
N GLY B 47 5.89 -12.30 25.10
CA GLY B 47 6.88 -11.21 25.23
C GLY B 47 6.95 -10.33 23.99
N GLN B 48 6.01 -10.51 23.07
CA GLN B 48 6.00 -9.75 21.82
C GLN B 48 5.41 -8.35 22.02
N GLN B 49 5.59 -7.49 21.02
CA GLN B 49 5.02 -6.15 21.02
C GLN B 49 3.51 -6.21 21.38
N SER B 50 3.10 -5.38 22.33
CA SER B 50 1.72 -5.39 22.82
C SER B 50 0.76 -4.67 21.87
N VAL B 51 -0.51 -5.04 21.96
CA VAL B 51 -1.60 -4.47 21.18
C VAL B 51 -2.70 -4.11 22.19
N THR B 52 -3.35 -2.96 21.98
CA THR B 52 -4.35 -2.42 22.95
C THR B 52 -5.55 -1.77 22.26
N GLY B 53 -6.56 -1.43 23.03
CA GLY B 53 -7.55 -0.47 22.58
C GLY B 53 -7.20 0.91 23.11
N PHE B 54 -7.17 1.89 22.21
CA PHE B 54 -6.80 3.29 22.55
C PHE B 54 -8.02 4.23 22.47
N PRO B 55 -8.20 5.12 23.47
CA PRO B 55 -9.39 6.00 23.44
C PRO B 55 -9.28 7.29 22.59
N GLY B 56 -8.08 7.83 22.45
CA GLY B 56 -7.85 9.06 21.66
C GLY B 56 -8.21 8.95 20.19
N VAL B 57 -8.75 10.02 19.61
CA VAL B 57 -9.08 9.99 18.20
C VAL B 57 -7.90 10.42 17.36
N VAL B 58 -7.06 11.32 17.85
CA VAL B 58 -5.88 11.62 17.07
C VAL B 58 -4.72 10.73 17.53
N ASP B 59 -4.26 9.84 16.64
CA ASP B 59 -3.25 8.85 17.02
C ASP B 59 -2.74 8.12 15.77
N SER B 60 -1.56 8.51 15.28
CA SER B 60 -0.96 7.76 14.17
C SER B 60 -0.80 6.28 14.49
N ASN B 61 -0.57 5.96 15.77
CA ASN B 61 -0.42 4.54 16.20
C ASN B 61 -1.69 3.68 16.03
N SER B 62 -2.77 4.29 15.57
CA SER B 62 -4.02 3.56 15.33
C SER B 62 -4.24 3.12 13.87
N TYR B 63 -3.31 3.44 12.95
CA TYR B 63 -3.47 3.04 11.55
C TYR B 63 -2.89 1.66 11.21
N TRP B 64 -3.68 0.92 10.43
CA TRP B 64 -3.33 -0.41 9.96
C TRP B 64 -3.53 -0.50 8.45
N ILE B 65 -2.62 -1.20 7.79
CA ILE B 65 -2.80 -1.45 6.37
CA ILE B 65 -2.75 -1.46 6.35
C ILE B 65 -3.37 -2.84 6.11
N VAL B 66 -4.43 -2.89 5.32
CA VAL B 66 -5.07 -4.18 4.97
C VAL B 66 -4.28 -4.90 3.86
N LYS B 67 -3.86 -6.12 4.11
CA LYS B 67 -3.01 -6.80 3.13
C LYS B 67 -3.52 -8.21 2.82
N PRO B 68 -3.26 -8.68 1.59
CA PRO B 68 -3.61 -10.06 1.28
C PRO B 68 -2.59 -11.03 1.91
N VAL B 69 -2.85 -12.32 1.77
CA VAL B 69 -1.92 -13.38 2.13
C VAL B 69 -0.88 -13.47 1.00
N PRO B 70 0.41 -13.63 1.35
CA PRO B 70 1.47 -13.66 0.34
C PRO B 70 1.23 -14.75 -0.71
N GLY B 71 1.56 -14.49 -1.96
CA GLY B 71 1.38 -15.57 -2.93
C GLY B 71 -0.01 -15.83 -3.50
N THR B 72 -1.01 -15.04 -3.13
CA THR B 72 -2.35 -15.21 -3.69
C THR B 72 -2.61 -14.22 -4.78
N THR B 73 -3.76 -14.40 -5.42
CA THR B 73 -4.08 -13.52 -6.52
C THR B 73 -4.55 -12.13 -6.07
N GLU B 74 -5.13 -12.02 -4.88
CA GLU B 74 -5.59 -10.74 -4.37
C GLU B 74 -4.45 -9.71 -4.29
N LYS B 75 -4.72 -8.49 -4.75
CA LYS B 75 -3.68 -7.46 -4.87
C LYS B 75 -4.22 -6.09 -4.41
N GLN B 76 -3.31 -5.15 -4.18
CA GLN B 76 -3.70 -3.79 -3.80
C GLN B 76 -4.71 -3.23 -4.80
N GLY B 77 -5.79 -2.65 -4.28
CA GLY B 77 -6.84 -2.11 -5.15
C GLY B 77 -8.02 -3.03 -5.43
N ASP B 78 -7.89 -4.31 -5.05
CA ASP B 78 -9.00 -5.26 -5.15
C ASP B 78 -9.87 -5.06 -3.91
N ALA B 79 -11.17 -5.16 -4.08
CA ALA B 79 -12.12 -5.08 -2.95
C ALA B 79 -11.95 -6.28 -2.02
N VAL B 80 -12.02 -6.05 -0.70
CA VAL B 80 -11.88 -7.15 0.24
C VAL B 80 -13.24 -7.80 0.36
N LYS B 81 -13.29 -9.10 0.08
CA LYS B 81 -14.56 -9.87 0.11
C LYS B 81 -14.87 -10.45 1.50
N SER B 82 -16.15 -10.50 1.85
CA SER B 82 -16.61 -11.30 2.99
C SER B 82 -15.97 -12.69 2.94
N GLY B 83 -15.39 -13.15 4.03
CA GLY B 83 -14.80 -14.50 4.08
C GLY B 83 -13.35 -14.56 3.68
N ALA B 84 -12.80 -13.44 3.19
CA ALA B 84 -11.38 -13.36 2.84
C ALA B 84 -10.47 -13.47 4.04
N THR B 85 -9.29 -14.08 3.82
CA THR B 85 -8.22 -14.13 4.82
C THR B 85 -7.32 -12.91 4.63
N ILE B 86 -7.18 -12.10 5.67
CA ILE B 86 -6.41 -10.86 5.54
C ILE B 86 -5.31 -10.76 6.59
N ARG B 87 -4.43 -9.79 6.37
CA ARG B 87 -3.47 -9.41 7.39
C ARG B 87 -3.61 -7.91 7.65
N LEU B 88 -3.27 -7.49 8.86
CA LEU B 88 -3.25 -6.07 9.24
C LEU B 88 -1.86 -5.69 9.74
N GLN B 89 -1.22 -4.79 9.01
CA GLN B 89 0.13 -4.36 9.35
C GLN B 89 0.08 -3.00 10.04
N HIS B 90 0.62 -2.92 11.25
CA HIS B 90 0.67 -1.67 11.98
C HIS B 90 1.62 -0.73 11.21
N MET B 91 1.10 0.42 10.77
CA MET B 91 1.90 1.35 9.94
C MET B 91 3.15 1.82 10.64
N LYS B 92 3.01 2.21 11.92
CA LYS B 92 4.10 2.90 12.61
C LYS B 92 5.27 1.98 12.93
N THR B 93 5.00 0.72 13.25
CA THR B 93 6.07 -0.21 13.54
C THR B 93 6.30 -1.31 12.52
N ARG B 94 5.48 -1.37 11.46
CA ARG B 94 5.56 -2.41 10.42
C ARG B 94 5.28 -3.83 10.89
N LYS B 95 4.82 -4.00 12.13
CA LYS B 95 4.53 -5.34 12.65
C LYS B 95 3.10 -5.82 12.33
N TRP B 96 2.89 -7.12 12.35
CA TRP B 96 1.59 -7.70 11.92
C TRP B 96 0.71 -8.03 13.10
N LEU B 97 -0.59 -7.79 12.97
CA LEU B 97 -1.55 -8.24 13.99
C LEU B 97 -1.51 -9.77 14.06
N HIS B 98 -1.30 -10.29 15.27
CA HIS B 98 -0.83 -11.67 15.45
C HIS B 98 -1.53 -12.33 16.63
N SER B 99 -1.73 -13.63 16.54
CA SER B 99 -2.16 -14.38 17.71
C SER B 99 -1.59 -15.80 17.67
N HIS B 100 -1.84 -16.51 18.76
CA HIS B 100 -1.16 -17.74 19.13
C HIS B 100 -1.66 -18.23 20.48
N LEU B 101 -1.10 -19.35 20.93
CA LEU B 101 -1.53 -20.00 22.15
C LEU B 101 -0.68 -19.55 23.32
N HIS B 102 -0.88 -18.29 23.72
CA HIS B 102 -0.31 -17.66 24.90
C HIS B 102 -1.49 -16.99 25.59
N ALA B 103 -1.36 -16.78 26.89
CA ALA B 103 -2.44 -16.21 27.69
C ALA B 103 -2.33 -14.68 27.69
N SER B 104 -3.45 -13.98 27.46
CA SER B 104 -3.44 -12.50 27.51
C SER B 104 -3.24 -11.99 28.94
N PRO B 105 -2.63 -10.81 29.12
CA PRO B 105 -2.13 -10.40 30.47
C PRO B 105 -3.19 -10.09 31.53
N ILE B 106 -4.37 -9.66 31.10
CA ILE B 106 -5.39 -9.28 32.05
C ILE B 106 -6.46 -10.37 32.20
N SER B 107 -7.07 -10.81 31.10
CA SER B 107 -8.14 -11.78 31.17
CA SER B 107 -8.15 -11.79 31.16
C SER B 107 -7.73 -13.21 31.00
N GLY B 108 -6.50 -13.51 30.56
CA GLY B 108 -6.11 -14.91 30.42
C GLY B 108 -6.78 -15.59 29.22
N ASN B 109 -7.25 -14.78 28.28
CA ASN B 109 -7.75 -15.29 27.01
C ASN B 109 -6.55 -15.47 26.04
N LEU B 110 -6.80 -15.55 24.74
CA LEU B 110 -5.71 -15.75 23.78
C LEU B 110 -4.94 -14.45 23.57
N GLU B 111 -3.61 -14.48 23.71
CA GLU B 111 -2.82 -13.25 23.54
C GLU B 111 -2.87 -12.75 22.09
N VAL B 112 -3.13 -11.45 21.94
CA VAL B 112 -3.01 -10.80 20.62
C VAL B 112 -1.83 -9.81 20.68
N SER B 113 -0.90 -9.96 19.72
CA SER B 113 0.35 -9.19 19.73
C SER B 113 0.62 -8.60 18.36
N CYS B 114 1.67 -7.79 18.28
CA CYS B 114 2.24 -7.38 17.02
C CYS B 114 3.57 -8.13 16.81
N PHE B 115 3.74 -8.72 15.63
CA PHE B 115 4.83 -9.66 15.35
C PHE B 115 5.50 -9.42 13.99
N GLY B 116 6.81 -9.65 13.91
CA GLY B 116 7.49 -9.66 12.62
C GLY B 116 7.77 -8.31 12.00
N ASP B 117 7.91 -8.28 10.68
CA ASP B 117 8.15 -7.03 9.96
C ASP B 117 7.77 -7.16 8.50
N ASP B 118 8.48 -6.42 7.65
CA ASP B 118 8.24 -6.44 6.23
C ASP B 118 8.85 -7.66 5.57
N THR B 119 9.68 -8.38 6.31
CA THR B 119 10.37 -9.56 5.79
C THR B 119 10.14 -10.76 6.69
N ASN B 120 9.05 -10.74 7.46
CA ASN B 120 8.74 -11.83 8.34
C ASN B 120 7.28 -11.82 8.77
N SER B 121 6.51 -12.68 8.11
CA SER B 121 5.11 -12.90 8.45
C SER B 121 4.86 -14.39 8.29
N ASP B 122 3.89 -14.94 9.01
CA ASP B 122 3.39 -16.28 8.67
C ASP B 122 1.90 -16.44 9.00
N THR B 123 1.37 -17.66 8.96
CA THR B 123 -0.09 -17.85 9.14
C THR B 123 -0.64 -17.38 10.48
N GLY B 124 0.25 -17.22 11.46
CA GLY B 124 -0.13 -16.62 12.73
C GLY B 124 -0.63 -15.18 12.57
N ASP B 125 -0.33 -14.57 11.42
CA ASP B 125 -0.78 -13.21 11.12
C ASP B 125 -2.09 -13.15 10.31
N HIS B 126 -2.74 -14.31 10.13
CA HIS B 126 -3.92 -14.41 9.24
C HIS B 126 -5.27 -14.35 9.98
N TRP B 127 -6.19 -13.54 9.46
CA TRP B 127 -7.52 -13.33 10.07
C TRP B 127 -8.59 -13.41 8.99
N LYS B 128 -9.67 -14.12 9.28
CA LYS B 128 -10.78 -14.23 8.35
C LYS B 128 -11.72 -13.06 8.59
N LEU B 129 -12.06 -12.32 7.55
CA LEU B 129 -13.01 -11.21 7.68
C LEU B 129 -14.43 -11.72 7.62
N ILE B 130 -15.20 -11.51 8.69
CA ILE B 130 -16.59 -11.92 8.70
C ILE B 130 -17.49 -10.69 8.73
N ILE B 131 -18.31 -10.52 7.69
CA ILE B 131 -19.20 -9.38 7.65
C ILE B 131 -20.54 -9.79 8.27
N GLU B 132 -20.87 -9.17 9.40
CA GLU B 132 -22.08 -9.55 10.16
C GLU B 132 -23.31 -8.77 9.71
N GLY B 133 -23.72 -9.04 8.47
CA GLY B 133 -24.69 -8.22 7.76
C GLY B 133 -24.80 -8.78 6.35
N SER B 134 -25.48 -8.03 5.48
CA SER B 134 -25.79 -8.45 4.10
C SER B 134 -24.58 -8.31 3.17
N GLY B 135 -23.73 -7.32 3.46
CA GLY B 135 -22.62 -6.95 2.56
C GLY B 135 -21.74 -8.10 2.05
N LYS B 136 -21.42 -8.06 0.76
CA LYS B 136 -20.50 -9.03 0.17
C LYS B 136 -19.06 -8.51 0.12
N THR B 137 -18.91 -7.19 0.21
CA THR B 137 -17.54 -6.58 0.27
C THR B 137 -17.41 -5.71 1.51
N TRP B 138 -16.20 -5.64 2.04
CA TRP B 138 -15.92 -4.89 3.25
C TRP B 138 -16.12 -3.38 2.98
N LYS B 139 -16.89 -2.74 3.84
CA LYS B 139 -17.12 -1.31 3.72
C LYS B 139 -16.82 -0.56 5.01
N GLN B 140 -16.48 0.72 4.91
CA GLN B 140 -16.40 1.57 6.12
C GLN B 140 -17.72 1.57 6.93
N ASP B 141 -17.63 1.63 8.25
CA ASP B 141 -18.82 1.60 9.12
C ASP B 141 -19.71 0.40 9.08
N GLN B 142 -19.20 -0.71 8.61
CA GLN B 142 -19.98 -1.92 8.52
C GLN B 142 -19.57 -2.81 9.70
N ARG B 143 -20.52 -3.49 10.33
CA ARG B 143 -20.16 -4.35 11.44
C ARG B 143 -19.50 -5.65 10.94
N VAL B 144 -18.30 -5.93 11.47
CA VAL B 144 -17.53 -7.13 11.08
C VAL B 144 -16.90 -7.81 12.31
N ARG B 145 -16.47 -9.07 12.13
CA ARG B 145 -15.54 -9.74 13.04
C ARG B 145 -14.25 -10.09 12.28
N LEU B 146 -13.18 -10.32 13.04
CA LEU B 146 -11.92 -10.83 12.50
C LEU B 146 -11.55 -12.09 13.28
N GLN B 147 -11.62 -13.24 12.61
CA GLN B 147 -11.34 -14.50 13.30
C GLN B 147 -9.95 -15.02 12.95
N HIS B 148 -9.11 -15.15 13.97
CA HIS B 148 -7.75 -15.67 13.82
C HIS B 148 -7.82 -17.11 13.30
N ILE B 149 -7.24 -17.36 12.13
CA ILE B 149 -7.38 -18.67 11.46
C ILE B 149 -6.81 -19.81 12.29
N ASP B 150 -5.56 -19.68 12.74
CA ASP B 150 -4.89 -20.79 13.45
C ASP B 150 -5.46 -21.18 14.83
N THR B 151 -5.99 -20.21 15.58
CA THR B 151 -6.59 -20.48 16.92
C THR B 151 -8.11 -20.49 16.95
N SER B 152 -8.75 -19.94 15.91
CA SER B 152 -10.19 -19.66 15.87
C SER B 152 -10.66 -18.56 16.82
N GLY B 153 -9.74 -17.81 17.41
CA GLY B 153 -10.10 -16.72 18.33
C GLY B 153 -10.59 -15.50 17.56
N TYR B 154 -11.76 -14.97 17.96
CA TYR B 154 -12.22 -13.68 17.41
C TYR B 154 -11.43 -12.53 18.06
N LEU B 155 -10.95 -11.60 17.24
CA LEU B 155 -10.37 -10.38 17.78
C LEU B 155 -11.37 -9.68 18.74
N HIS B 156 -10.95 -9.38 19.97
CA HIS B 156 -11.88 -9.07 21.06
C HIS B 156 -11.28 -7.94 21.90
N SER B 157 -12.14 -7.04 22.37
CA SER B 157 -11.74 -6.10 23.40
C SER B 157 -12.90 -5.94 24.37
N HIS B 158 -12.66 -5.16 25.41
CA HIS B 158 -13.58 -5.04 26.54
C HIS B 158 -13.05 -4.01 27.55
N ASP B 159 -13.87 -3.67 28.54
CA ASP B 159 -13.52 -2.64 29.51
C ASP B 159 -12.64 -3.23 30.61
N LYS B 160 -11.46 -3.68 30.21
CA LYS B 160 -10.44 -4.26 31.10
C LYS B 160 -9.16 -3.52 30.77
N LYS B 161 -8.65 -2.73 31.72
CA LYS B 161 -7.67 -1.71 31.38
C LYS B 161 -6.33 -1.88 32.06
N TYR B 162 -5.26 -1.56 31.34
CA TYR B 162 -3.92 -1.50 31.93
C TYR B 162 -3.92 -0.33 32.87
N GLN B 163 -2.96 -0.34 33.80
CA GLN B 163 -2.99 0.64 34.91
C GLN B 163 -1.76 1.50 35.00
N ARG B 164 -0.62 0.99 34.60
CA ARG B 164 0.62 1.76 34.76
C ARG B 164 1.16 2.23 33.41
N ILE B 165 2.06 1.47 32.80
CA ILE B 165 2.53 1.81 31.45
C ILE B 165 1.39 1.51 30.48
N ALA B 166 1.11 2.45 29.58
CA ALA B 166 -0.09 2.36 28.77
C ALA B 166 -1.38 2.36 29.59
N GLY B 167 -1.38 2.96 30.77
CA GLY B 167 -2.61 2.94 31.57
C GLY B 167 -3.80 3.59 30.88
N GLY B 168 -5.01 3.09 31.17
CA GLY B 168 -6.18 3.60 30.52
C GLY B 168 -6.51 2.92 29.19
N GLN B 169 -5.55 2.18 28.64
CA GLN B 169 -5.78 1.48 27.39
C GLN B 169 -6.38 0.11 27.73
N GLN B 170 -7.20 -0.41 26.82
CA GLN B 170 -7.89 -1.69 26.99
C GLN B 170 -7.09 -2.89 26.50
N GLU B 171 -7.22 -4.01 27.20
CA GLU B 171 -6.68 -5.27 26.70
C GLU B 171 -7.35 -5.65 25.38
N VAL B 172 -6.55 -6.22 24.48
CA VAL B 172 -7.06 -6.89 23.26
C VAL B 172 -6.62 -8.34 23.34
N CYS B 173 -7.52 -9.24 22.93
CA CYS B 173 -7.29 -10.68 23.04
C CYS B 173 -8.12 -11.46 21.99
N GLY B 174 -7.96 -12.79 21.99
CA GLY B 174 -8.80 -13.63 21.14
C GLY B 174 -9.74 -14.47 22.00
N ILE B 175 -11.02 -14.51 21.64
CA ILE B 175 -11.92 -15.44 22.31
CA ILE B 175 -11.99 -15.38 22.33
C ILE B 175 -12.75 -16.21 21.28
N ARG B 176 -12.91 -17.50 21.53
CA ARG B 176 -13.42 -18.43 20.52
C ARG B 176 -14.93 -18.40 20.26
N GLU B 177 -15.66 -17.61 21.03
CA GLU B 177 -17.09 -17.48 20.87
C GLU B 177 -17.43 -16.09 20.32
N LYS B 178 -18.39 -16.03 19.40
CA LYS B 178 -18.98 -14.76 18.96
C LYS B 178 -19.65 -14.05 20.13
N LYS B 179 -19.25 -12.80 20.37
CA LYS B 179 -19.82 -11.97 21.44
C LYS B 179 -19.95 -10.52 21.00
N ALA B 180 -20.82 -9.75 21.67
CA ALA B 180 -20.96 -8.32 21.38
C ALA B 180 -19.61 -7.59 21.34
N ASP B 181 -18.71 -7.99 22.24
CA ASP B 181 -17.38 -7.39 22.37
C ASP B 181 -16.33 -7.89 21.37
N ASN B 182 -16.72 -8.72 20.40
CA ASN B 182 -15.83 -8.98 19.24
C ASN B 182 -16.36 -8.46 17.87
N ILE B 183 -17.26 -7.47 17.94
CA ILE B 183 -17.67 -6.70 16.76
C ILE B 183 -16.84 -5.43 16.63
N TRP B 184 -16.35 -5.18 15.41
CA TRP B 184 -15.54 -4.03 15.10
C TRP B 184 -16.10 -3.34 13.86
N LEU B 185 -15.74 -2.08 13.66
CA LEU B 185 -16.04 -1.38 12.42
C LEU B 185 -14.79 -0.62 11.93
N ALA B 186 -14.53 -0.65 10.61
CA ALA B 186 -13.47 0.16 10.03
C ALA B 186 -13.89 1.59 10.06
N ALA B 187 -12.93 2.46 10.30
CA ALA B 187 -13.23 3.89 10.42
C ALA B 187 -12.08 4.77 9.92
N GLU B 188 -12.40 6.01 9.59
CA GLU B 188 -11.38 7.00 9.31
C GLU B 188 -10.34 6.57 8.23
N GLY B 189 -10.77 5.79 7.25
CA GLY B 189 -9.81 5.15 6.36
C GLY B 189 -9.31 6.01 5.21
N VAL B 190 -8.22 5.55 4.60
CA VAL B 190 -7.75 6.02 3.32
C VAL B 190 -7.73 4.84 2.37
N TYR B 191 -8.58 4.90 1.35
CA TYR B 191 -8.92 3.71 0.55
C TYR B 191 -8.41 3.80 -0.87
N LEU B 192 -7.59 2.82 -1.26
CA LEU B 192 -6.98 2.83 -2.59
C LEU B 192 -8.06 2.62 -3.65
N PRO B 193 -7.81 3.15 -4.86
CA PRO B 193 -8.77 3.05 -5.97
C PRO B 193 -9.14 1.60 -6.23
N LEU B 194 -10.38 1.35 -6.65
CA LEU B 194 -10.79 0.01 -7.05
C LEU B 194 -10.28 -0.33 -8.45
N ASN B 195 -9.51 -1.42 -8.56
CA ASN B 195 -9.07 -1.96 -9.85
C ASN B 195 -10.25 -2.38 -10.72
N GLU B 196 -11.24 -2.87 -10.01
CA GLU B 196 -12.40 -3.57 -10.47
C GLU B 196 -12.67 -3.94 -11.92
S SO4 C . 7.01 22.40 -2.36
O1 SO4 C . 7.75 23.62 -2.08
O2 SO4 C . 7.50 21.38 -1.47
O3 SO4 C . 5.59 22.61 -2.21
O4 SO4 C . 7.30 21.99 -3.73
S SO4 D . 4.24 2.73 -40.38
O1 SO4 D . 4.54 4.14 -40.08
O2 SO4 D . 3.70 2.01 -39.20
O3 SO4 D . 3.30 2.51 -41.48
O4 SO4 D . 5.49 2.13 -40.85
S SO4 E . 9.40 20.44 2.61
O1 SO4 E . 10.26 21.06 1.61
O2 SO4 E . 10.19 20.16 3.80
O3 SO4 E . 8.30 21.37 2.88
O4 SO4 E . 8.88 19.19 2.08
C1 EDO F . 2.61 -0.12 -35.46
O1 EDO F . 2.16 -1.33 -36.11
C2 EDO F . 1.57 0.94 -35.83
O2 EDO F . 1.41 1.81 -34.73
C1 EDO G . -6.80 -12.74 0.22
O1 EDO G . -5.42 -13.15 0.43
C2 EDO G . -7.86 -13.40 1.12
O2 EDO G . -8.30 -14.74 0.81
C1 EDO H . -22.23 -5.31 -2.31
O1 EDO H . -22.58 -5.87 -1.05
C2 EDO H . -20.72 -5.40 -2.40
O2 EDO H . -20.34 -5.96 -3.67
#